data_9F4S
#
_entry.id   9F4S
#
_cell.length_a   38.039
_cell.length_b   43.655
_cell.length_c   56.065
_cell.angle_alpha   90.000
_cell.angle_beta   94.050
_cell.angle_gamma   90.000
#
_symmetry.space_group_name_H-M   'P 1 21 1'
#
loop_
_entity.id
_entity.type
_entity.pdbx_description
1 polymer 'Heterogeneous nuclear ribonucleoprotein A1, N-terminally processed'
2 non-polymer "N-ethyl-N'-(5-methyl-1,2-oxazol-3-yl)urea"
3 water water
#
_entity_poly.entity_id   1
_entity_poly.type   'polypeptide(L)'
_entity_poly.pdbx_seq_one_letter_code
;GPMGSKSESPKEPEQLRKLFIGGLSFETTDESLRSHFEQWGTLTDCVVMRDPNTKRSRGFGFVTYATVEEVDAAMNARPH
KVDGRVVEPKRAVSREDSQRPGAHLTVKKIFVGGIKEDTEEHHLRDYFEQYGKIEVIEIMTDRGSGKKRGFAFVTFDDHD
SVDKIVIQKYHTVNGHNCEVRKALSKQEMASASSSQRG
;
_entity_poly.pdbx_strand_id   A
#
loop_
_chem_comp.id
_chem_comp.type
_chem_comp.name
_chem_comp.formula
JGA non-polymer N-ethyl-N'-(5-methyl-1,2-oxazol-3-yl)urea 'C7 H11 N3 O2'
#
# COMPACT_ATOMS: atom_id res chain seq x y z
N PRO A 10 -16.04 -14.17 -7.41
CA PRO A 10 -14.89 -15.07 -7.52
C PRO A 10 -13.66 -14.52 -6.80
N LYS A 11 -12.48 -14.81 -7.33
CA LYS A 11 -11.24 -14.48 -6.65
C LYS A 11 -10.72 -13.13 -7.14
N GLU A 12 -10.20 -12.34 -6.22
CA GLU A 12 -9.55 -11.09 -6.58
C GLU A 12 -8.42 -11.36 -7.57
N PRO A 13 -8.16 -10.43 -8.48
CA PRO A 13 -7.02 -10.59 -9.41
C PRO A 13 -5.73 -10.90 -8.66
N GLU A 14 -4.99 -11.87 -9.19
CA GLU A 14 -3.77 -12.32 -8.55
C GLU A 14 -2.79 -11.17 -8.29
N GLN A 15 -2.71 -10.21 -9.22
CA GLN A 15 -1.80 -9.10 -9.06
C GLN A 15 -2.02 -8.36 -7.75
N LEU A 16 -3.27 -8.26 -7.31
CA LEU A 16 -3.63 -7.56 -6.08
C LEU A 16 -3.42 -8.42 -4.84
N ARG A 17 -3.00 -9.67 -5.01
CA ARG A 17 -2.78 -10.59 -3.89
C ARG A 17 -1.30 -10.85 -3.66
N LYS A 18 -0.43 -10.16 -4.39
CA LYS A 18 1.01 -10.40 -4.29
C LYS A 18 1.66 -9.38 -3.37
N LEU A 19 2.71 -9.82 -2.68
CA LEU A 19 3.59 -8.89 -2.02
C LEU A 19 4.98 -9.14 -2.56
N PHE A 20 5.63 -8.07 -2.98
CA PHE A 20 6.98 -8.12 -3.46
C PHE A 20 7.86 -7.78 -2.27
N ILE A 21 8.77 -8.69 -1.92
CA ILE A 21 9.52 -8.63 -0.67
C ILE A 21 10.98 -8.31 -1.02
N GLY A 22 11.42 -7.09 -0.72
CA GLY A 22 12.82 -6.73 -0.89
C GLY A 22 13.62 -6.89 0.40
N GLY A 23 14.95 -6.81 0.25
CA GLY A 23 15.82 -6.82 1.40
C GLY A 23 15.98 -8.17 2.06
N LEU A 24 15.76 -9.26 1.34
CA LEU A 24 15.89 -10.58 1.93
C LEU A 24 17.32 -10.87 2.33
N SER A 25 17.47 -11.65 3.40
CA SER A 25 18.72 -12.35 3.63
C SER A 25 18.99 -13.26 2.44
N PHE A 26 20.25 -13.32 1.99
CA PHE A 26 20.59 -14.24 0.92
C PHE A 26 20.40 -15.69 1.32
N GLU A 27 20.26 -15.98 2.61
CA GLU A 27 19.99 -17.33 3.05
C GLU A 27 18.51 -17.70 3.06
N THR A 28 17.61 -16.75 2.83
CA THR A 28 16.19 -17.06 2.74
C THR A 28 15.90 -17.91 1.51
N THR A 29 15.08 -18.94 1.68
CA THR A 29 14.70 -19.86 0.61
C THR A 29 13.20 -19.78 0.38
N ASP A 30 12.73 -20.39 -0.73
CA ASP A 30 11.29 -20.48 -0.96
C ASP A 30 10.61 -21.01 0.29
N GLU A 31 11.19 -22.04 0.89
CA GLU A 31 10.58 -22.69 2.04
C GLU A 31 10.56 -21.79 3.27
N SER A 32 11.66 -21.09 3.56
CA SER A 32 11.67 -20.26 4.76
C SER A 32 10.85 -18.99 4.59
N LEU A 33 10.82 -18.44 3.36
CA LEU A 33 9.93 -17.32 3.10
C LEU A 33 8.47 -17.73 3.28
N ARG A 34 8.13 -18.93 2.79
CA ARG A 34 6.77 -19.44 2.91
C ARG A 34 6.40 -19.65 4.38
N SER A 35 7.26 -20.33 5.14
CA SER A 35 6.94 -20.59 6.54
C SER A 35 6.71 -19.29 7.30
N HIS A 36 7.46 -18.25 6.96
CA HIS A 36 7.24 -16.97 7.63
C HIS A 36 5.87 -16.39 7.23
N PHE A 37 5.63 -16.22 5.92
CA PHE A 37 4.47 -15.45 5.51
C PHE A 37 3.16 -16.24 5.58
N GLU A 38 3.23 -17.56 5.71
CA GLU A 38 2.01 -18.32 6.00
C GLU A 38 1.39 -17.99 7.34
N GLN A 39 2.07 -17.26 8.22
CA GLN A 39 1.41 -16.88 9.46
C GLN A 39 0.20 -15.99 9.22
N TRP A 40 0.13 -15.30 8.07
CA TRP A 40 -0.94 -14.32 7.82
C TRP A 40 -1.91 -14.74 6.73
N GLY A 41 -1.77 -15.94 6.18
CA GLY A 41 -2.75 -16.40 5.21
C GLY A 41 -2.20 -17.55 4.39
N THR A 42 -3.08 -18.08 3.56
CA THR A 42 -2.75 -19.15 2.63
C THR A 42 -1.91 -18.57 1.48
N LEU A 43 -0.75 -19.17 1.23
CA LEU A 43 0.11 -18.73 0.13
C LEU A 43 -0.07 -19.66 -1.06
N THR A 44 -0.57 -19.12 -2.17
CA THR A 44 -0.67 -19.87 -3.41
C THR A 44 0.63 -19.87 -4.21
N ASP A 45 1.59 -19.01 -3.85
CA ASP A 45 2.87 -18.91 -4.53
C ASP A 45 3.86 -18.26 -3.56
N CYS A 46 5.12 -18.63 -3.70
CA CYS A 46 6.17 -18.05 -2.85
C CYS A 46 7.51 -18.37 -3.48
N VAL A 47 8.23 -17.34 -3.91
CA VAL A 47 9.43 -17.49 -4.72
C VAL A 47 10.52 -16.54 -4.24
N VAL A 48 11.73 -17.07 -4.03
CA VAL A 48 12.94 -16.27 -3.89
C VAL A 48 13.59 -16.17 -5.26
N MET A 49 13.90 -14.94 -5.68
CA MET A 49 14.53 -14.77 -6.98
C MET A 49 16.02 -15.07 -6.86
N ARG A 50 16.55 -15.84 -7.81
CA ARG A 50 17.94 -16.27 -7.76
C ARG A 50 18.61 -16.04 -9.11
N ASP A 51 19.92 -15.93 -9.07
CA ASP A 51 20.70 -15.87 -10.29
C ASP A 51 20.57 -17.19 -11.06
N PRO A 52 20.37 -17.13 -12.37
CA PRO A 52 20.16 -18.37 -13.14
C PRO A 52 21.39 -19.25 -13.23
N ASN A 53 22.59 -18.69 -13.07
CA ASN A 53 23.82 -19.48 -13.16
C ASN A 53 24.36 -19.91 -11.81
N THR A 54 24.45 -18.99 -10.86
CA THR A 54 25.07 -19.31 -9.57
C THR A 54 24.10 -19.83 -8.55
N LYS A 55 22.80 -19.64 -8.76
CA LYS A 55 21.73 -19.91 -7.79
C LYS A 55 21.81 -19.03 -6.55
N ARG A 56 22.71 -18.04 -6.52
CA ARG A 56 22.79 -17.15 -5.38
C ARG A 56 21.57 -16.24 -5.40
N SER A 57 20.96 -16.07 -4.22
CA SER A 57 19.81 -15.19 -4.08
C SER A 57 20.08 -13.79 -4.62
N ARG A 58 19.07 -13.23 -5.27
CA ARG A 58 19.06 -11.84 -5.68
C ARG A 58 18.60 -10.91 -4.55
N GLY A 59 18.22 -11.46 -3.40
CA GLY A 59 17.85 -10.64 -2.27
C GLY A 59 16.43 -10.13 -2.29
N PHE A 60 15.59 -10.65 -3.15
CA PHE A 60 14.18 -10.29 -3.17
C PHE A 60 13.38 -11.48 -3.67
N GLY A 61 12.07 -11.40 -3.44
CA GLY A 61 11.16 -12.42 -3.93
C GLY A 61 9.74 -11.91 -3.83
N PHE A 62 8.79 -12.83 -3.95
CA PHE A 62 7.40 -12.44 -3.82
C PHE A 62 6.61 -13.59 -3.24
N VAL A 63 5.49 -13.24 -2.64
CA VAL A 63 4.52 -14.21 -2.17
C VAL A 63 3.16 -13.81 -2.71
N THR A 64 2.29 -14.81 -2.91
CA THR A 64 0.93 -14.58 -3.36
C THR A 64 -0.03 -15.19 -2.37
N TYR A 65 -0.87 -14.37 -1.76
CA TYR A 65 -1.92 -14.84 -0.85
C TYR A 65 -3.18 -15.23 -1.60
N ALA A 66 -4.04 -15.97 -0.91
CA ALA A 66 -5.31 -16.37 -1.49
C ALA A 66 -6.30 -15.22 -1.59
N THR A 67 -6.18 -14.22 -0.71
CA THR A 67 -7.12 -13.10 -0.67
C THR A 67 -6.40 -11.80 -0.35
N VAL A 68 -7.06 -10.70 -0.73
CA VAL A 68 -6.55 -9.37 -0.40
C VAL A 68 -6.54 -9.13 1.10
N GLU A 69 -7.54 -9.64 1.82
CA GLU A 69 -7.52 -9.46 3.28
C GLU A 69 -6.28 -10.08 3.90
N GLU A 70 -5.78 -11.18 3.35
CA GLU A 70 -4.53 -11.76 3.82
C GLU A 70 -3.34 -10.85 3.53
N VAL A 71 -3.30 -10.21 2.34
CA VAL A 71 -2.25 -9.22 2.09
C VAL A 71 -2.29 -8.15 3.16
N ASP A 72 -3.50 -7.64 3.44
CA ASP A 72 -3.65 -6.63 4.48
C ASP A 72 -3.10 -7.11 5.81
N ALA A 73 -3.42 -8.35 6.19
CA ALA A 73 -2.95 -8.86 7.47
C ALA A 73 -1.43 -8.91 7.52
N ALA A 74 -0.82 -9.37 6.42
CA ALA A 74 0.64 -9.40 6.38
C ALA A 74 1.22 -8.01 6.49
N MET A 75 0.60 -7.04 5.79
CA MET A 75 1.19 -5.72 5.79
C MET A 75 1.00 -5.08 7.18
N ASN A 76 -0.12 -5.39 7.84
CA ASN A 76 -0.35 -4.87 9.19
C ASN A 76 0.56 -5.51 10.25
N ALA A 77 1.21 -6.62 9.91
CA ALA A 77 2.13 -7.28 10.83
C ALA A 77 3.57 -6.84 10.63
N ARG A 78 3.84 -5.90 9.74
CA ARG A 78 5.18 -5.33 9.66
C ARG A 78 5.55 -4.68 11.00
N PRO A 79 6.84 -4.58 11.30
CA PRO A 79 7.99 -5.03 10.50
C PRO A 79 8.17 -6.52 10.54
N HIS A 80 8.54 -7.09 9.40
CA HIS A 80 8.80 -8.51 9.26
C HIS A 80 10.30 -8.78 9.31
N LYS A 81 10.72 -9.58 10.28
CA LYS A 81 12.09 -10.05 10.37
C LYS A 81 12.09 -11.50 9.89
N VAL A 82 12.69 -11.73 8.73
CA VAL A 82 12.65 -13.02 8.07
C VAL A 82 14.07 -13.55 8.07
N ASP A 83 14.29 -14.70 8.71
CA ASP A 83 15.63 -15.26 8.78
C ASP A 83 16.66 -14.25 9.30
N GLY A 84 16.23 -13.46 10.28
CA GLY A 84 17.13 -12.56 10.97
C GLY A 84 17.27 -11.16 10.39
N ARG A 85 16.60 -10.86 9.28
CA ARG A 85 16.75 -9.58 8.61
C ARG A 85 15.38 -8.94 8.41
N VAL A 86 15.27 -7.64 8.70
CA VAL A 86 14.02 -6.93 8.45
C VAL A 86 13.88 -6.72 6.95
N VAL A 87 12.77 -7.20 6.39
CA VAL A 87 12.54 -7.14 4.95
C VAL A 87 11.58 -6.01 4.61
N GLU A 88 11.35 -5.78 3.32
CA GLU A 88 10.55 -4.65 2.86
C GLU A 88 9.46 -5.16 1.92
N PRO A 89 8.28 -5.48 2.45
CA PRO A 89 7.18 -5.92 1.59
C PRO A 89 6.43 -4.73 1.02
N LYS A 90 6.06 -4.88 -0.25
CA LYS A 90 5.24 -3.85 -0.91
C LYS A 90 4.25 -4.56 -1.84
N ARG A 91 3.05 -4.00 -1.93
CA ARG A 91 2.08 -4.54 -2.88
C ARG A 91 2.35 -4.01 -4.28
N ALA A 92 1.48 -4.39 -5.22
CA ALA A 92 1.53 -3.84 -6.59
C ALA A 92 0.50 -2.72 -6.76
N VAL A 93 0.92 -1.67 -7.45
CA VAL A 93 -0.05 -0.61 -7.84
C VAL A 93 0.01 -0.58 -9.39
N SER A 94 -0.94 0.05 -10.07
CA SER A 94 -1.03 0.07 -11.53
C SER A 94 0.09 0.88 -12.17
N HIS A 104 7.79 0.42 -8.31
CA HIS A 104 6.89 0.93 -7.29
C HIS A 104 7.26 2.36 -6.91
N LEU A 105 6.32 3.28 -7.09
CA LEU A 105 6.49 4.66 -6.66
C LEU A 105 6.05 4.74 -5.20
N THR A 106 7.01 4.68 -4.28
CA THR A 106 6.71 4.51 -2.87
C THR A 106 6.58 5.88 -2.22
N VAL A 107 5.34 6.31 -2.00
CA VAL A 107 5.07 7.62 -1.41
C VAL A 107 4.01 7.49 -0.33
N LYS A 108 3.93 8.53 0.50
CA LYS A 108 3.05 8.56 1.65
C LYS A 108 1.94 9.60 1.51
N LYS A 109 1.83 10.25 0.37
CA LYS A 109 0.93 11.38 0.20
C LYS A 109 0.07 11.16 -1.02
N ILE A 110 -1.21 11.57 -0.91
CA ILE A 110 -2.15 11.49 -2.01
C ILE A 110 -2.72 12.87 -2.32
N PHE A 111 -3.03 13.06 -3.59
CA PHE A 111 -3.90 14.12 -4.08
C PHE A 111 -5.32 13.58 -4.09
N VAL A 112 -6.26 14.39 -3.60
CA VAL A 112 -7.69 14.07 -3.59
C VAL A 112 -8.40 15.20 -4.31
N GLY A 113 -8.95 14.91 -5.48
CA GLY A 113 -9.61 15.93 -6.26
C GLY A 113 -11.10 15.71 -6.40
N GLY A 114 -11.83 16.76 -6.72
CA GLY A 114 -13.26 16.66 -6.93
C GLY A 114 -14.09 16.82 -5.67
N ILE A 115 -13.51 17.36 -4.60
CA ILE A 115 -14.22 17.49 -3.33
C ILE A 115 -15.03 18.79 -3.24
N LYS A 116 -14.90 19.67 -4.21
CA LYS A 116 -15.73 20.88 -4.30
C LYS A 116 -15.51 21.78 -3.08
N GLU A 117 -16.49 22.63 -2.77
CA GLU A 117 -16.33 23.64 -1.71
C GLU A 117 -16.86 23.21 -0.35
N ASP A 118 -17.70 22.18 -0.27
CA ASP A 118 -18.32 21.81 0.99
C ASP A 118 -17.59 20.73 1.77
N THR A 119 -16.51 20.18 1.23
CA THR A 119 -15.81 19.11 1.92
C THR A 119 -14.83 19.69 2.94
N GLU A 120 -14.88 19.15 4.16
CA GLU A 120 -14.09 19.64 5.27
C GLU A 120 -13.12 18.57 5.75
N GLU A 121 -12.27 18.96 6.70
CA GLU A 121 -11.20 18.08 7.15
C GLU A 121 -11.75 16.79 7.74
N HIS A 122 -12.83 16.88 8.52
CA HIS A 122 -13.36 15.69 9.16
C HIS A 122 -13.90 14.69 8.16
N HIS A 123 -14.45 15.16 7.03
CA HIS A 123 -14.90 14.25 5.98
C HIS A 123 -13.73 13.43 5.45
N LEU A 124 -12.62 14.09 5.15
CA LEU A 124 -11.45 13.40 4.64
C LEU A 124 -10.85 12.51 5.71
N ARG A 125 -10.79 12.98 6.96
CA ARG A 125 -10.18 12.18 8.01
C ARG A 125 -10.98 10.92 8.30
N ASP A 126 -12.32 11.05 8.44
CA ASP A 126 -13.12 9.88 8.80
C ASP A 126 -13.03 8.79 7.75
N TYR A 127 -12.90 9.17 6.48
CA TYR A 127 -12.78 8.19 5.42
C TYR A 127 -11.36 7.64 5.33
N PHE A 128 -10.37 8.52 5.19
CA PHE A 128 -9.02 8.05 4.90
C PHE A 128 -8.34 7.40 6.10
N GLU A 129 -8.77 7.70 7.33
CA GLU A 129 -8.12 7.11 8.49
C GLU A 129 -8.28 5.59 8.52
N GLN A 130 -9.25 5.05 7.77
CA GLN A 130 -9.43 3.61 7.69
C GLN A 130 -8.46 2.95 6.73
N TYR A 131 -7.71 3.73 5.95
CA TYR A 131 -6.62 3.21 5.14
C TYR A 131 -5.26 3.26 5.84
N GLY A 132 -5.10 4.17 6.80
CA GLY A 132 -3.83 4.28 7.48
C GLY A 132 -3.84 5.46 8.42
N LYS A 133 -2.72 5.62 9.12
CA LYS A 133 -2.62 6.68 10.10
C LYS A 133 -2.29 8.00 9.40
N ILE A 134 -3.14 9.00 9.58
CA ILE A 134 -3.00 10.27 8.90
C ILE A 134 -2.11 11.19 9.72
N GLU A 135 -1.15 11.84 9.05
CA GLU A 135 -0.33 12.86 9.68
C GLU A 135 -0.69 14.28 9.28
N VAL A 136 -1.10 14.51 8.04
CA VAL A 136 -1.43 15.85 7.55
C VAL A 136 -2.63 15.77 6.63
N ILE A 137 -3.57 16.70 6.80
CA ILE A 137 -4.62 16.94 5.82
C ILE A 137 -4.54 18.40 5.41
N GLU A 138 -4.38 18.64 4.12
CA GLU A 138 -4.25 20.00 3.60
C GLU A 138 -5.36 20.23 2.58
N ILE A 139 -6.40 20.95 2.98
CA ILE A 139 -7.45 21.37 2.06
C ILE A 139 -7.00 22.64 1.35
N MET A 140 -7.00 22.63 0.02
CA MET A 140 -6.31 23.65 -0.73
C MET A 140 -7.25 24.83 -0.92
N THR A 141 -6.72 26.03 -0.71
CA THR A 141 -7.50 27.25 -0.85
C THR A 141 -6.79 28.18 -1.82
N ASP A 142 -7.57 29.09 -2.41
CA ASP A 142 -7.04 30.03 -3.37
C ASP A 142 -6.14 31.06 -2.69
N ARG A 143 -4.94 31.24 -3.26
CA ARG A 143 -3.93 32.13 -2.68
C ARG A 143 -4.43 33.56 -2.57
N GLY A 144 -5.32 33.97 -3.47
CA GLY A 144 -5.83 35.33 -3.48
C GLY A 144 -7.09 35.54 -2.68
N SER A 145 -8.06 34.63 -2.80
CA SER A 145 -9.38 34.83 -2.23
C SER A 145 -9.64 34.02 -0.97
N GLY A 146 -8.85 32.98 -0.71
CA GLY A 146 -9.13 32.08 0.38
C GLY A 146 -10.19 31.03 0.11
N LYS A 147 -10.83 31.06 -1.06
CA LYS A 147 -11.90 30.11 -1.32
C LYS A 147 -11.31 28.72 -1.56
N LYS A 148 -12.06 27.70 -1.17
CA LYS A 148 -11.62 26.33 -1.40
C LYS A 148 -11.53 26.04 -2.88
N ARG A 149 -10.47 25.35 -3.28
CA ARG A 149 -10.25 25.05 -4.69
C ARG A 149 -10.81 23.70 -5.12
N GLY A 150 -11.27 22.88 -4.19
CA GLY A 150 -11.85 21.61 -4.55
C GLY A 150 -10.88 20.46 -4.60
N PHE A 151 -9.72 20.57 -3.97
CA PHE A 151 -8.82 19.43 -3.86
C PHE A 151 -8.04 19.54 -2.56
N ALA A 152 -7.41 18.43 -2.19
CA ALA A 152 -6.73 18.32 -0.91
C ALA A 152 -5.57 17.34 -1.06
N PHE A 153 -4.66 17.40 -0.09
CA PHE A 153 -3.60 16.41 0.04
C PHE A 153 -3.69 15.76 1.42
N VAL A 154 -3.51 14.45 1.45
CA VAL A 154 -3.48 13.70 2.69
C VAL A 154 -2.14 12.98 2.77
N THR A 155 -1.44 13.15 3.89
CA THR A 155 -0.16 12.50 4.14
C THR A 155 -0.34 11.48 5.25
N PHE A 156 0.10 10.24 5.00
CA PHE A 156 0.03 9.15 5.95
C PHE A 156 1.40 8.85 6.52
N ASP A 157 1.43 8.03 7.56
CA ASP A 157 2.72 7.66 8.14
C ASP A 157 3.44 6.55 7.39
N ASP A 158 2.85 6.02 6.32
CA ASP A 158 3.41 4.83 5.70
C ASP A 158 2.78 4.67 4.32
N HIS A 159 3.54 4.08 3.41
CA HIS A 159 3.15 4.00 2.01
C HIS A 159 2.01 3.01 1.73
N ASP A 160 1.81 2.00 2.59
CA ASP A 160 0.84 0.98 2.22
C ASP A 160 -0.57 1.55 2.18
N SER A 161 -0.88 2.51 3.05
N SER A 161 -0.88 2.53 3.03
CA SER A 161 -2.15 3.23 2.97
CA SER A 161 -2.16 3.23 2.97
C SER A 161 -2.38 3.77 1.56
C SER A 161 -2.40 3.79 1.58
N VAL A 162 -1.41 4.50 1.03
CA VAL A 162 -1.51 5.06 -0.31
C VAL A 162 -1.69 3.97 -1.35
N ASP A 163 -0.93 2.88 -1.23
CA ASP A 163 -1.01 1.80 -2.20
C ASP A 163 -2.40 1.19 -2.23
N LYS A 164 -2.99 0.96 -1.05
CA LYS A 164 -4.36 0.46 -0.99
C LYS A 164 -5.33 1.44 -1.63
N ILE A 165 -5.12 2.73 -1.38
CA ILE A 165 -6.06 3.74 -1.86
C ILE A 165 -6.07 3.80 -3.38
N VAL A 166 -4.89 3.84 -3.99
CA VAL A 166 -4.84 4.10 -5.43
C VAL A 166 -5.27 2.93 -6.28
N ILE A 167 -5.35 1.72 -5.71
CA ILE A 167 -5.81 0.58 -6.48
C ILE A 167 -7.34 0.47 -6.50
N GLN A 168 -8.04 1.17 -5.62
CA GLN A 168 -9.51 1.18 -5.68
C GLN A 168 -9.98 1.89 -6.94
N LYS A 169 -11.04 1.35 -7.55
CA LYS A 169 -11.65 2.02 -8.69
C LYS A 169 -12.35 3.32 -8.31
N TYR A 170 -12.88 3.42 -7.09
CA TYR A 170 -13.75 4.51 -6.67
C TYR A 170 -13.39 4.99 -5.28
N HIS A 171 -13.57 6.29 -5.05
CA HIS A 171 -13.54 6.87 -3.71
C HIS A 171 -14.70 7.84 -3.58
N THR A 172 -15.51 7.64 -2.56
CA THR A 172 -16.68 8.48 -2.28
C THR A 172 -16.45 9.14 -0.93
N VAL A 173 -16.38 10.46 -0.93
CA VAL A 173 -16.15 11.26 0.27
C VAL A 173 -17.15 12.41 0.25
N ASN A 174 -17.92 12.54 1.33
CA ASN A 174 -18.89 13.63 1.44
C ASN A 174 -19.83 13.64 0.24
N GLY A 175 -20.21 12.45 -0.20
CA GLY A 175 -21.10 12.30 -1.34
C GLY A 175 -20.48 12.57 -2.70
N HIS A 176 -19.21 12.94 -2.77
CA HIS A 176 -18.55 13.26 -4.03
C HIS A 176 -17.76 12.03 -4.50
N ASN A 177 -17.81 11.77 -5.80
CA ASN A 177 -16.93 10.82 -6.47
C ASN A 177 -15.58 11.49 -6.71
N CYS A 178 -14.53 11.02 -6.04
CA CYS A 178 -13.25 11.72 -6.00
C CYS A 178 -12.21 11.07 -6.88
N GLU A 179 -11.29 11.89 -7.37
CA GLU A 179 -10.10 11.44 -8.09
C GLU A 179 -8.96 11.41 -7.09
N VAL A 180 -8.30 10.26 -6.95
CA VAL A 180 -7.22 10.12 -5.99
C VAL A 180 -5.99 9.59 -6.72
N ARG A 181 -4.85 10.25 -6.50
CA ARG A 181 -3.60 9.77 -7.09
C ARG A 181 -2.45 9.99 -6.12
N LYS A 182 -1.35 9.27 -6.36
CA LYS A 182 -0.14 9.49 -5.60
C LYS A 182 0.36 10.92 -5.85
N ALA A 183 0.89 11.56 -4.81
CA ALA A 183 1.36 12.94 -4.88
C ALA A 183 2.86 13.02 -4.65
N LEU A 184 3.55 13.74 -5.54
CA LEU A 184 5.01 13.95 -5.55
C LEU A 184 5.78 12.63 -5.54
C01 JGA B . 11.74 -6.08 -4.56
C02 JGA B . 10.44 -6.81 -4.61
N03 JGA B . 10.14 -7.25 -5.97
C04 JGA B . 9.78 -6.35 -6.98
O05 JGA B . 9.69 -5.13 -6.81
N06 JGA B . 9.48 -6.90 -8.24
C07 JGA B . 9.47 -8.23 -8.59
C08 JGA B . 9.71 -9.45 -7.84
C09 JGA B . 9.55 -10.41 -8.78
O10 JGA B . 9.24 -9.87 -9.98
N11 JGA B . 9.19 -8.56 -9.88
C12 JGA B . 9.64 -11.85 -8.77
#